data_9EWG
#
_entry.id   9EWG
#
_cell.length_a   56.042
_cell.length_b   62.504
_cell.length_c   141.400
_cell.angle_alpha   90.000
_cell.angle_beta   90.000
_cell.angle_gamma   90.000
#
_symmetry.space_group_name_H-M   'P 21 21 21'
#
loop_
_entity.id
_entity.type
_entity.pdbx_description
1 polymer 'DNA polymerase lambda'
2 polymer 'DNA primer strand downstream'
3 polymer 'DNA primer strand upstream'
4 polymer 'DNA template strand'
5 non-polymer 'SODIUM ION'
6 non-polymer 1,2-ETHANEDIOL
7 non-polymer 'CALCIUM ION'
8 non-polymer GLYCEROL
9 non-polymer "THYMIDINE-5'-PHOSPHATE"
10 water water
#
loop_
_entity_poly.entity_id
_entity_poly.type
_entity_poly.pdbx_seq_one_letter_code
_entity_poly.pdbx_strand_id
1 'polypeptide(L)'
;GAQPSSQKATNHNLHITEKLEVLAKAYSVQGDKWRALGYAKAINALKSFHKPVTSYQEACSIPGIGKRMAEKIIEILESG
HLRKLDHISESVPVLELFSNIWGAGTKTAQMWYQQGFRSLEDIRSQASLTTQQAIGLKHYSDFLERMPREEATEIEQTVQ
KAAQAFNSGLLCVACGSYRRGKATCGDVDVLITHPDGRSHRGIFSRLLDSLRQEGFLTDDLVKGETKYLGVCRLPGPGRR
HRRLDIKVVPYSEFACALLYFTGSAHFNRSMRALAKTKGMSLSEHALSTAVVRNTHGCKVGPGRVLPTPTEKDVFRLLGL
PYREPAERDW
;
A
2 'polydeoxyribonucleotide' (DG)(DC)(DC)(DG) D
3 'polydeoxyribonucleotide' (DC)(DA)(DG)(DT)(DA)(DC) P
4 'polydeoxyribonucleotide' (DC)(DG)(DG)(DC)(DA)(DG)(DT)(DA)(DC)(DT)(DG) T
#
loop_
_chem_comp.id
_chem_comp.type
_chem_comp.name
_chem_comp.formula
CA non-polymer 'CALCIUM ION' 'Ca 2'
DA DNA linking 2'-DEOXYADENOSINE-5'-MONOPHOSPHATE 'C10 H14 N5 O6 P'
DC DNA linking 2'-DEOXYCYTIDINE-5'-MONOPHOSPHATE 'C9 H14 N3 O7 P'
DG DNA linking 2'-DEOXYGUANOSINE-5'-MONOPHOSPHATE 'C10 H14 N5 O7 P'
DT DNA linking THYMIDINE-5'-MONOPHOSPHATE 'C10 H15 N2 O8 P'
EDO non-polymer 1,2-ETHANEDIOL 'C2 H6 O2'
GOL non-polymer GLYCEROL 'C3 H8 O3'
NA non-polymer 'SODIUM ION' 'Na 1'
TMP non-polymer THYMIDINE-5'-PHOSPHATE 'C10 H15 N2 O8 P'
#
# COMPACT_ATOMS: atom_id res chain seq x y z
N ASN A 11 5.89 -20.34 7.59
CA ASN A 11 4.69 -20.74 6.86
C ASN A 11 4.76 -22.21 6.46
N HIS A 12 4.08 -23.06 7.22
CA HIS A 12 4.08 -24.49 6.95
C HIS A 12 3.03 -24.91 5.94
N ASN A 13 2.22 -23.98 5.43
CA ASN A 13 1.14 -24.30 4.49
C ASN A 13 1.32 -23.58 3.16
N LEU A 14 2.56 -23.50 2.67
CA LEU A 14 2.78 -22.88 1.36
C LEU A 14 2.15 -23.70 0.24
N HIS A 15 2.02 -25.02 0.41
CA HIS A 15 1.40 -25.84 -0.62
C HIS A 15 -0.09 -25.58 -0.75
N ILE A 16 -0.65 -24.70 0.08
CA ILE A 16 -2.03 -24.25 -0.05
C ILE A 16 -2.08 -22.78 -0.47
N THR A 17 -1.30 -21.93 0.20
CA THR A 17 -1.31 -20.51 -0.13
C THR A 17 -0.85 -20.28 -1.55
N GLU A 18 0.12 -21.06 -2.03
CA GLU A 18 0.53 -20.93 -3.43
C GLU A 18 -0.68 -21.02 -4.34
N LYS A 19 -1.53 -22.03 -4.13
CA LYS A 19 -2.70 -22.21 -4.98
C LYS A 19 -3.71 -21.09 -4.78
N LEU A 20 -3.95 -20.70 -3.52
CA LEU A 20 -5.02 -19.74 -3.25
C LEU A 20 -4.66 -18.33 -3.70
N GLU A 21 -3.37 -18.00 -3.75
CA GLU A 21 -2.99 -16.66 -4.21
C GLU A 21 -3.35 -16.46 -5.67
N VAL A 22 -3.27 -17.51 -6.48
CA VAL A 22 -3.65 -17.39 -7.88
C VAL A 22 -5.12 -17.01 -8.01
N LEU A 23 -5.98 -17.70 -7.25
CA LEU A 23 -7.40 -17.40 -7.31
C LEU A 23 -7.68 -15.99 -6.78
N ALA A 24 -7.01 -15.62 -5.69
CA ALA A 24 -7.21 -14.28 -5.14
C ALA A 24 -6.88 -13.23 -6.19
N LYS A 25 -5.77 -13.42 -6.90
CA LYS A 25 -5.36 -12.45 -7.91
C LYS A 25 -6.31 -12.43 -9.10
N ALA A 26 -6.79 -13.60 -9.55
CA ALA A 26 -7.80 -13.62 -10.60
C ALA A 26 -9.00 -12.76 -10.21
N TYR A 27 -9.52 -12.99 -9.00
CA TYR A 27 -10.67 -12.23 -8.54
C TYR A 27 -10.34 -10.74 -8.45
N SER A 28 -9.14 -10.41 -7.98
CA SER A 28 -8.77 -9.01 -7.83
C SER A 28 -8.73 -8.30 -9.17
N VAL A 29 -8.02 -8.87 -10.16
CA VAL A 29 -7.94 -8.19 -11.45
C VAL A 29 -9.30 -8.16 -12.14
N GLN A 30 -10.17 -9.13 -11.86
CA GLN A 30 -11.48 -9.11 -12.51
C GLN A 30 -12.48 -8.20 -11.81
N GLY A 31 -12.09 -7.52 -10.72
CA GLY A 31 -12.95 -6.55 -10.10
C GLY A 31 -13.78 -7.07 -8.94
N ASP A 32 -13.66 -8.35 -8.58
CA ASP A 32 -14.39 -8.91 -7.45
C ASP A 32 -13.58 -8.63 -6.18
N LYS A 33 -13.66 -7.38 -5.74
CA LYS A 33 -12.78 -6.87 -4.68
C LYS A 33 -13.04 -7.54 -3.33
N TRP A 34 -14.29 -7.85 -3.01
CA TRP A 34 -14.58 -8.38 -1.68
C TRP A 34 -14.23 -9.87 -1.58
N ARG A 35 -14.48 -10.63 -2.64
CA ARG A 35 -14.02 -12.01 -2.64
C ARG A 35 -12.50 -12.07 -2.57
N ALA A 36 -11.82 -11.19 -3.32
CA ALA A 36 -10.37 -11.11 -3.23
C ALA A 36 -9.91 -10.78 -1.82
N LEU A 37 -10.62 -9.88 -1.13
CA LEU A 37 -10.27 -9.56 0.25
C LEU A 37 -10.40 -10.77 1.17
N GLY A 38 -11.53 -11.47 1.08
CA GLY A 38 -11.68 -12.69 1.87
C GLY A 38 -10.57 -13.68 1.63
N TYR A 39 -10.21 -13.89 0.35
CA TYR A 39 -9.12 -14.81 0.04
C TYR A 39 -7.82 -14.35 0.67
N ALA A 40 -7.52 -13.05 0.60
CA ALA A 40 -6.26 -12.55 1.14
C ALA A 40 -6.20 -12.70 2.65
N LYS A 41 -7.30 -12.43 3.34
CA LYS A 41 -7.31 -12.58 4.79
C LYS A 41 -7.14 -14.05 5.16
N ALA A 42 -7.77 -14.96 4.41
CA ALA A 42 -7.58 -16.38 4.70
C ALA A 42 -6.13 -16.81 4.44
N ILE A 43 -5.50 -16.23 3.42
CA ILE A 43 -4.11 -16.57 3.15
C ILE A 43 -3.21 -16.07 4.28
N ASN A 44 -3.49 -14.88 4.80
CA ASN A 44 -2.75 -14.41 5.97
C ASN A 44 -2.94 -15.36 7.14
N ALA A 45 -4.18 -15.80 7.37
CA ALA A 45 -4.42 -16.78 8.43
C ALA A 45 -3.55 -18.02 8.24
N LEU A 46 -3.56 -18.59 7.03
CA LEU A 46 -2.73 -19.77 6.75
C LEU A 46 -1.26 -19.49 7.06
N LYS A 47 -0.73 -18.38 6.55
CA LYS A 47 0.67 -18.08 6.75
C LYS A 47 1.01 -17.90 8.23
N SER A 48 0.04 -17.47 9.03
CA SER A 48 0.29 -17.11 10.43
C SER A 48 0.09 -18.28 11.40
N PHE A 49 -0.36 -19.44 10.93
CA PHE A 49 -0.69 -20.52 11.87
C PHE A 49 0.58 -21.14 12.44
N HIS A 50 1.63 -21.25 11.66
CA HIS A 50 2.90 -21.86 12.06
C HIS A 50 2.74 -23.34 12.41
N LYS A 51 1.57 -23.91 12.17
CA LYS A 51 1.29 -25.33 12.45
C LYS A 51 0.53 -25.87 11.25
N PRO A 52 1.19 -26.64 10.37
CA PRO A 52 0.50 -27.13 9.17
C PRO A 52 -0.86 -27.74 9.47
N VAL A 53 -1.92 -27.16 8.87
CA VAL A 53 -3.27 -27.66 9.08
C VAL A 53 -3.41 -29.02 8.43
N THR A 54 -3.88 -30.00 9.21
CA THR A 54 -4.00 -31.39 8.76
C THR A 54 -5.39 -31.92 9.03
N SER A 55 -6.41 -31.10 8.81
CA SER A 55 -7.79 -31.54 8.98
C SER A 55 -8.74 -30.45 8.50
N TYR A 56 -9.95 -30.86 8.14
CA TYR A 56 -10.99 -29.92 7.76
C TYR A 56 -11.55 -29.19 8.97
N GLN A 57 -11.61 -29.85 10.12
CA GLN A 57 -12.09 -29.18 11.33
C GLN A 57 -11.08 -28.17 11.85
N GLU A 58 -9.79 -28.51 11.76
CA GLU A 58 -8.75 -27.55 12.16
C GLU A 58 -8.77 -26.33 11.25
N ALA A 59 -9.04 -26.53 9.96
CA ALA A 59 -9.13 -25.41 9.03
C ALA A 59 -10.38 -24.58 9.32
N CYS A 60 -11.54 -25.23 9.37
CA CYS A 60 -12.80 -24.53 9.58
C CYS A 60 -12.85 -23.81 10.92
N SER A 61 -11.89 -24.07 11.81
CA SER A 61 -11.86 -23.45 13.13
C SER A 61 -10.96 -22.22 13.20
N ILE A 62 -10.14 -21.96 12.19
CA ILE A 62 -9.25 -20.81 12.20
C ILE A 62 -10.04 -19.56 11.81
N PRO A 63 -9.85 -18.44 12.48
CA PRO A 63 -10.54 -17.21 12.07
C PRO A 63 -10.05 -16.72 10.71
N GLY A 64 -10.98 -16.18 9.93
CA GLY A 64 -10.70 -15.85 8.54
C GLY A 64 -10.85 -17.02 7.58
N ILE A 65 -11.37 -18.15 8.03
CA ILE A 65 -11.49 -19.35 7.19
C ILE A 65 -12.81 -20.03 7.51
N GLY A 66 -13.67 -20.16 6.50
CA GLY A 66 -14.99 -20.73 6.66
C GLY A 66 -15.15 -22.04 5.91
N LYS A 67 -16.40 -22.40 5.65
CA LYS A 67 -16.67 -23.71 5.03
C LYS A 67 -16.16 -23.76 3.60
N ARG A 68 -16.39 -22.71 2.81
CA ARG A 68 -15.93 -22.69 1.43
C ARG A 68 -14.41 -22.87 1.37
N MET A 69 -13.70 -22.06 2.15
CA MET A 69 -12.24 -22.13 2.16
C MET A 69 -11.77 -23.45 2.74
N ALA A 70 -12.53 -24.02 3.68
CA ALA A 70 -12.16 -25.31 4.24
C ALA A 70 -12.24 -26.40 3.19
N GLU A 71 -13.29 -26.38 2.36
CA GLU A 71 -13.40 -27.35 1.28
C GLU A 71 -12.30 -27.16 0.25
N LYS A 72 -11.98 -25.91 -0.10
CA LYS A 72 -10.87 -25.68 -1.00
C LYS A 72 -9.59 -26.28 -0.43
N ILE A 73 -9.31 -26.01 0.86
CA ILE A 73 -8.07 -26.46 1.46
C ILE A 73 -8.03 -27.98 1.57
N ILE A 74 -9.16 -28.61 1.88
CA ILE A 74 -9.18 -30.07 2.00
C ILE A 74 -8.94 -30.71 0.64
N GLU A 75 -9.50 -30.12 -0.41
CA GLU A 75 -9.18 -30.59 -1.76
C GLU A 75 -7.68 -30.47 -2.03
N ILE A 76 -7.09 -29.31 -1.73
CA ILE A 76 -5.66 -29.16 -1.98
C ILE A 76 -4.86 -30.19 -1.18
N LEU A 77 -5.29 -30.47 0.05
CA LEU A 77 -4.56 -31.40 0.90
C LEU A 77 -4.58 -32.81 0.32
N GLU A 78 -5.77 -33.32 0.02
CA GLU A 78 -5.87 -34.73 -0.37
C GLU A 78 -5.48 -34.95 -1.82
N SER A 79 -6.00 -34.12 -2.73
CA SER A 79 -5.79 -34.33 -4.16
C SER A 79 -4.56 -33.60 -4.69
N GLY A 80 -3.89 -32.81 -3.87
CA GLY A 80 -2.70 -32.10 -4.31
C GLY A 80 -2.93 -31.04 -5.38
N HIS A 81 -4.19 -30.75 -5.70
CA HIS A 81 -4.49 -29.75 -6.71
C HIS A 81 -5.91 -29.24 -6.51
N LEU A 82 -6.16 -28.02 -6.97
CA LEU A 82 -7.45 -27.36 -6.84
C LEU A 82 -8.02 -27.16 -8.24
N ARG A 83 -9.20 -27.75 -8.48
CA ARG A 83 -9.73 -27.79 -9.84
C ARG A 83 -10.20 -26.41 -10.31
N LYS A 84 -10.58 -25.52 -9.39
CA LYS A 84 -11.00 -24.19 -9.80
C LYS A 84 -9.91 -23.48 -10.61
N LEU A 85 -8.65 -23.73 -10.26
CA LEU A 85 -7.53 -23.11 -10.99
C LEU A 85 -7.52 -23.47 -12.47
N ASP A 86 -8.17 -24.57 -12.85
CA ASP A 86 -8.21 -24.98 -14.25
C ASP A 86 -9.29 -24.24 -15.04
N HIS A 87 -10.01 -23.30 -14.41
CA HIS A 87 -11.06 -22.57 -15.10
C HIS A 87 -10.92 -21.07 -14.91
N ILE A 88 -9.71 -20.58 -14.63
CA ILE A 88 -9.43 -19.15 -14.59
C ILE A 88 -9.57 -18.58 -15.99
N SER A 89 -10.34 -17.52 -16.13
CA SER A 89 -10.52 -16.91 -17.45
C SER A 89 -9.18 -16.67 -18.12
N GLU A 90 -9.15 -16.81 -19.45
CA GLU A 90 -7.97 -16.47 -20.22
C GLU A 90 -7.66 -14.99 -20.21
N SER A 91 -8.60 -14.15 -19.80
CA SER A 91 -8.35 -12.71 -19.78
C SER A 91 -7.46 -12.28 -18.63
N VAL A 92 -7.29 -13.12 -17.60
CA VAL A 92 -6.65 -12.66 -16.36
C VAL A 92 -5.22 -12.20 -16.59
N PRO A 93 -4.37 -12.93 -17.30
CA PRO A 93 -2.99 -12.44 -17.49
C PRO A 93 -2.94 -11.09 -18.20
N VAL A 94 -3.85 -10.86 -19.15
CA VAL A 94 -3.90 -9.58 -19.83
C VAL A 94 -4.37 -8.47 -18.88
N LEU A 95 -5.39 -8.77 -18.07
CA LEU A 95 -5.89 -7.78 -17.12
C LEU A 95 -4.82 -7.42 -16.09
N GLU A 96 -4.05 -8.41 -15.66
CA GLU A 96 -2.96 -8.14 -14.73
C GLU A 96 -1.89 -7.28 -15.39
N LEU A 97 -1.54 -7.61 -16.65
CA LEU A 97 -0.60 -6.79 -17.39
C LEU A 97 -1.06 -5.34 -17.47
N PHE A 98 -2.33 -5.12 -17.78
CA PHE A 98 -2.82 -3.76 -17.96
C PHE A 98 -2.91 -3.01 -16.64
N SER A 99 -3.39 -3.67 -15.58
CA SER A 99 -3.61 -2.97 -14.33
C SER A 99 -2.33 -2.81 -13.52
N ASN A 100 -1.22 -3.37 -13.97
CA ASN A 100 0.08 -3.01 -13.44
C ASN A 100 0.62 -1.69 -14.01
N ILE A 101 -0.10 -1.06 -14.93
CA ILE A 101 0.16 0.32 -15.31
C ILE A 101 -0.33 1.22 -14.19
N TRP A 102 0.54 2.09 -13.68
CA TRP A 102 0.14 3.02 -12.64
C TRP A 102 -0.86 4.01 -13.19
N GLY A 103 -2.01 4.13 -12.53
CA GLY A 103 -3.10 4.96 -12.98
C GLY A 103 -4.22 4.22 -13.65
N ALA A 104 -4.01 2.95 -14.00
CA ALA A 104 -5.04 2.11 -14.57
C ALA A 104 -5.40 1.01 -13.59
N GLY A 105 -6.70 0.82 -13.35
CA GLY A 105 -7.15 -0.22 -12.46
C GLY A 105 -8.04 -1.17 -13.21
N THR A 106 -8.91 -1.87 -12.48
CA THR A 106 -9.69 -2.93 -13.11
C THR A 106 -10.63 -2.40 -14.17
N LYS A 107 -11.26 -1.24 -13.92
CA LYS A 107 -12.26 -0.74 -14.88
C LYS A 107 -11.60 -0.39 -16.21
N THR A 108 -10.43 0.25 -16.16
CA THR A 108 -9.72 0.59 -17.39
C THR A 108 -9.14 -0.65 -18.06
N ALA A 109 -8.61 -1.59 -17.28
CA ALA A 109 -8.10 -2.83 -17.87
C ALA A 109 -9.19 -3.60 -18.59
N GLN A 110 -10.39 -3.68 -17.99
CA GLN A 110 -11.50 -4.39 -18.62
C GLN A 110 -12.00 -3.65 -19.85
N MET A 111 -12.05 -2.31 -19.81
CA MET A 111 -12.42 -1.57 -21.01
C MET A 111 -11.43 -1.85 -22.14
N TRP A 112 -10.14 -1.76 -21.84
CA TRP A 112 -9.12 -2.03 -22.85
C TRP A 112 -9.25 -3.44 -23.41
N TYR A 113 -9.48 -4.42 -22.53
CA TYR A 113 -9.68 -5.79 -22.98
C TYR A 113 -10.88 -5.89 -23.91
N GLN A 114 -12.01 -5.28 -23.54
N GLN A 114 -12.00 -5.27 -23.53
CA GLN A 114 -13.20 -5.34 -24.39
CA GLN A 114 -13.20 -5.32 -24.37
C GLN A 114 -12.93 -4.74 -25.76
C GLN A 114 -12.93 -4.73 -25.74
N GLN A 115 -12.11 -3.69 -25.81
CA GLN A 115 -11.80 -3.05 -27.08
C GLN A 115 -10.84 -3.86 -27.95
N GLY A 116 -10.34 -4.99 -27.48
CA GLY A 116 -9.50 -5.84 -28.30
C GLY A 116 -8.02 -5.79 -28.01
N PHE A 117 -7.59 -4.93 -27.09
CA PHE A 117 -6.16 -4.81 -26.78
C PHE A 117 -5.70 -6.01 -25.95
N ARG A 118 -4.50 -6.49 -26.26
CA ARG A 118 -3.95 -7.66 -25.60
C ARG A 118 -2.51 -7.48 -25.13
N SER A 119 -1.84 -6.38 -25.48
CA SER A 119 -0.43 -6.22 -25.15
C SER A 119 -0.16 -4.75 -24.85
N LEU A 120 1.01 -4.49 -24.28
CA LEU A 120 1.35 -3.10 -24.02
C LEU A 120 1.67 -2.36 -25.31
N GLU A 121 2.10 -3.08 -26.35
CA GLU A 121 2.24 -2.43 -27.66
C GLU A 121 0.88 -1.95 -28.17
N ASP A 122 -0.17 -2.75 -27.97
CA ASP A 122 -1.51 -2.30 -28.29
C ASP A 122 -1.88 -1.04 -27.49
N ILE A 123 -1.58 -1.03 -26.20
CA ILE A 123 -1.92 0.15 -25.40
C ILE A 123 -1.15 1.35 -25.91
N ARG A 124 0.14 1.17 -26.15
CA ARG A 124 1.00 2.25 -26.64
C ARG A 124 0.45 2.85 -27.93
N SER A 125 0.09 2.02 -28.89
CA SER A 125 -0.24 2.52 -30.21
C SER A 125 -1.70 2.90 -30.37
N GLN A 126 -2.61 2.36 -29.55
CA GLN A 126 -4.03 2.50 -29.85
C GLN A 126 -4.86 3.04 -28.69
N ALA A 127 -4.44 2.76 -27.47
CA ALA A 127 -5.24 3.16 -26.32
C ALA A 127 -5.14 4.67 -26.11
N SER A 128 -6.20 5.25 -25.55
CA SER A 128 -6.18 6.62 -25.10
C SER A 128 -5.78 6.62 -23.63
N LEU A 129 -4.72 7.35 -23.30
CA LEU A 129 -4.09 7.27 -21.98
C LEU A 129 -4.22 8.60 -21.25
N THR A 130 -4.46 8.53 -19.94
CA THR A 130 -4.33 9.73 -19.13
C THR A 130 -2.85 10.08 -18.98
N THR A 131 -2.57 11.27 -18.45
CA THR A 131 -1.19 11.65 -18.17
C THR A 131 -0.54 10.64 -17.23
N GLN A 132 -1.22 10.32 -16.13
CA GLN A 132 -0.67 9.36 -15.17
C GLN A 132 -0.39 8.01 -15.80
N GLN A 133 -1.33 7.52 -16.62
CA GLN A 133 -1.14 6.24 -17.29
C GLN A 133 0.01 6.29 -18.30
N ALA A 134 0.17 7.42 -18.98
CA ALA A 134 1.30 7.50 -19.91
C ALA A 134 2.62 7.45 -19.17
N ILE A 135 2.66 8.05 -17.98
CA ILE A 135 3.86 7.98 -17.16
C ILE A 135 4.06 6.57 -16.62
N GLY A 136 2.99 5.91 -16.21
CA GLY A 136 3.12 4.56 -15.70
C GLY A 136 3.56 3.58 -16.76
N LEU A 137 3.07 3.76 -17.99
CA LEU A 137 3.51 2.89 -19.06
C LEU A 137 4.97 3.15 -19.40
N LYS A 138 5.38 4.42 -19.41
CA LYS A 138 6.76 4.75 -19.73
C LYS A 138 7.74 4.13 -18.75
N HIS A 139 7.33 3.93 -17.49
CA HIS A 139 8.18 3.36 -16.47
C HIS A 139 7.73 1.97 -16.03
N TYR A 140 7.08 1.22 -16.92
CA TYR A 140 6.41 -0.02 -16.53
C TYR A 140 7.36 -0.96 -15.78
N SER A 141 8.47 -1.34 -16.43
CA SER A 141 9.41 -2.26 -15.79
C SER A 141 9.97 -1.67 -14.50
N ASP A 142 10.27 -0.37 -14.49
CA ASP A 142 10.90 0.24 -13.33
C ASP A 142 9.99 0.17 -12.13
N PHE A 143 8.71 0.45 -12.32
CA PHE A 143 7.78 0.43 -11.20
C PHE A 143 7.43 -0.97 -10.75
N LEU A 144 7.65 -1.98 -11.59
CA LEU A 144 7.48 -3.34 -11.08
C LEU A 144 8.64 -3.81 -10.20
N GLU A 145 9.78 -3.11 -10.21
CA GLU A 145 10.94 -3.52 -9.43
C GLU A 145 10.89 -2.92 -8.02
N ARG A 146 11.53 -3.61 -7.08
CA ARG A 146 11.80 -3.10 -5.75
C ARG A 146 13.27 -2.73 -5.66
N MET A 147 13.57 -1.70 -4.90
CA MET A 147 14.93 -1.20 -4.75
C MET A 147 15.53 -1.68 -3.44
N PRO A 148 16.85 -1.78 -3.35
CA PRO A 148 17.46 -2.06 -2.05
C PRO A 148 17.18 -0.90 -1.10
N ARG A 149 17.03 -1.24 0.19
CA ARG A 149 16.69 -0.18 1.13
C ARG A 149 17.83 0.82 1.26
N GLU A 150 19.03 0.47 0.83
CA GLU A 150 20.13 1.44 0.79
C GLU A 150 19.79 2.60 -0.15
N GLU A 151 19.24 2.28 -1.32
CA GLU A 151 18.81 3.32 -2.25
C GLU A 151 17.65 4.12 -1.65
N ALA A 152 16.75 3.45 -0.95
CA ALA A 152 15.67 4.17 -0.27
C ALA A 152 16.25 5.18 0.71
N THR A 153 17.30 4.79 1.43
CA THR A 153 17.97 5.73 2.32
C THR A 153 18.49 6.92 1.55
N GLU A 154 19.15 6.66 0.42
CA GLU A 154 19.67 7.76 -0.39
C GLU A 154 18.56 8.70 -0.82
N ILE A 155 17.41 8.16 -1.18
CA ILE A 155 16.28 8.99 -1.62
C ILE A 155 15.73 9.82 -0.46
N GLU A 156 15.46 9.16 0.67
CA GLU A 156 15.05 9.87 1.88
C GLU A 156 16.01 11.02 2.19
N GLN A 157 17.31 10.75 2.14
CA GLN A 157 18.31 11.76 2.47
C GLN A 157 18.34 12.89 1.45
N THR A 158 18.14 12.57 0.17
CA THR A 158 18.04 13.63 -0.83
C THR A 158 16.90 14.58 -0.48
N VAL A 159 15.74 14.02 -0.14
CA VAL A 159 14.59 14.87 0.17
C VAL A 159 14.82 15.61 1.48
N GLN A 160 15.47 14.97 2.46
CA GLN A 160 15.69 15.59 3.75
C GLN A 160 16.69 16.73 3.66
N LYS A 161 17.72 16.58 2.84
CA LYS A 161 18.64 17.69 2.62
C LYS A 161 17.93 18.83 1.91
N ALA A 162 17.12 18.53 0.89
CA ALA A 162 16.39 19.60 0.23
C ALA A 162 15.50 20.36 1.20
N ALA A 163 14.83 19.63 2.10
CA ALA A 163 13.87 20.25 3.01
C ALA A 163 14.56 21.01 4.13
N GLN A 164 15.56 20.40 4.76
CA GLN A 164 16.25 21.01 5.90
C GLN A 164 17.09 22.21 5.50
N ALA A 165 17.19 22.52 4.20
CA ALA A 165 17.79 23.79 3.80
C ALA A 165 16.85 24.96 4.10
N PHE A 166 15.54 24.74 3.95
CA PHE A 166 14.57 25.79 4.28
C PHE A 166 14.42 25.95 5.78
N ASN A 167 14.64 24.89 6.55
CA ASN A 167 14.40 24.93 7.98
C ASN A 167 15.01 23.70 8.65
N SER A 168 16.14 23.90 9.34
CA SER A 168 16.89 22.78 9.88
C SER A 168 16.11 22.01 10.95
N GLY A 169 14.98 22.53 11.40
CA GLY A 169 14.18 21.85 12.40
C GLY A 169 13.17 20.86 11.85
N LEU A 170 13.06 20.74 10.53
CA LEU A 170 12.06 19.85 9.95
C LEU A 170 12.45 18.40 10.17
N LEU A 171 11.48 17.60 10.60
CA LEU A 171 11.65 16.16 10.70
C LEU A 171 11.16 15.51 9.41
N CYS A 172 12.00 14.63 8.85
CA CYS A 172 11.69 13.91 7.62
C CYS A 172 11.93 12.43 7.86
N VAL A 173 10.89 11.62 7.70
CA VAL A 173 10.93 10.21 8.04
C VAL A 173 10.40 9.39 6.87
N ALA A 174 11.18 8.41 6.44
CA ALA A 174 10.73 7.48 5.41
C ALA A 174 9.93 6.36 6.07
N CYS A 175 8.72 6.12 5.55
CA CYS A 175 7.75 5.23 6.17
C CYS A 175 7.66 3.95 5.33
N GLY A 176 6.47 3.38 5.22
CA GLY A 176 6.30 2.18 4.43
C GLY A 176 7.21 1.03 4.86
N SER A 177 7.35 0.11 3.90
CA SER A 177 8.18 -1.07 4.12
C SER A 177 9.56 -0.69 4.62
N TYR A 178 10.06 0.47 4.21
CA TYR A 178 11.35 0.92 4.72
C TYR A 178 11.33 0.99 6.23
N ARG A 179 10.31 1.62 6.81
CA ARG A 179 10.24 1.77 8.25
C ARG A 179 9.97 0.44 8.94
N ARG A 180 9.24 -0.46 8.28
CA ARG A 180 9.06 -1.82 8.81
C ARG A 180 10.31 -2.69 8.66
N GLY A 181 11.41 -2.14 8.15
CA GLY A 181 12.68 -2.87 8.15
C GLY A 181 12.85 -3.89 7.05
N LYS A 182 12.23 -3.70 5.91
CA LYS A 182 12.36 -4.68 4.84
C LYS A 182 13.66 -4.46 4.06
N ALA A 183 14.16 -5.54 3.46
CA ALA A 183 15.43 -5.45 2.74
C ALA A 183 15.28 -4.70 1.43
N THR A 184 14.10 -4.75 0.82
CA THR A 184 13.81 -4.01 -0.40
C THR A 184 12.50 -3.26 -0.23
N CYS A 185 12.33 -2.19 -1.02
CA CYS A 185 11.16 -1.33 -0.95
C CYS A 185 10.68 -1.04 -2.36
N GLY A 186 9.36 -1.06 -2.54
CA GLY A 186 8.78 -0.74 -3.82
C GLY A 186 8.64 0.74 -4.11
N ASP A 187 8.80 1.59 -3.11
CA ASP A 187 8.74 3.03 -3.28
C ASP A 187 9.26 3.68 -2.01
N VAL A 188 9.40 4.99 -2.05
CA VAL A 188 9.83 5.77 -0.90
C VAL A 188 8.72 6.74 -0.55
N ASP A 189 8.36 6.82 0.74
CA ASP A 189 7.29 7.68 1.21
C ASP A 189 7.84 8.53 2.34
N VAL A 190 8.04 9.82 2.09
CA VAL A 190 8.67 10.71 3.06
C VAL A 190 7.60 11.56 3.72
N LEU A 191 7.57 11.51 5.05
CA LEU A 191 6.64 12.28 5.86
C LEU A 191 7.43 13.40 6.53
N ILE A 192 6.90 14.61 6.47
CA ILE A 192 7.60 15.81 6.91
C ILE A 192 6.74 16.55 7.91
N THR A 193 7.34 16.98 9.02
CA THR A 193 6.63 17.82 9.97
C THR A 193 7.64 18.73 10.68
N HIS A 194 7.14 19.53 11.62
CA HIS A 194 7.97 20.43 12.41
C HIS A 194 7.38 20.52 13.82
N PRO A 195 8.16 20.30 14.88
CA PRO A 195 7.61 20.41 16.23
C PRO A 195 7.05 21.78 16.57
N ASP A 196 7.40 22.82 15.81
CA ASP A 196 6.87 24.15 16.10
C ASP A 196 5.37 24.23 15.82
N GLY A 197 4.84 23.35 14.97
CA GLY A 197 3.42 23.29 14.71
C GLY A 197 2.92 24.23 13.64
N ARG A 198 3.70 25.24 13.27
CA ARG A 198 3.23 26.28 12.35
C ARG A 198 4.36 26.74 11.43
N SER A 199 5.00 25.79 10.76
CA SER A 199 5.99 26.10 9.73
C SER A 199 5.84 25.24 8.49
N HIS A 200 4.94 24.26 8.49
CA HIS A 200 4.80 23.33 7.38
C HIS A 200 3.94 23.90 6.26
N ARG A 201 3.99 25.22 6.07
CA ARG A 201 3.21 25.90 5.05
C ARG A 201 4.18 26.59 4.11
N GLY A 202 3.99 26.35 2.80
CA GLY A 202 4.88 26.87 1.78
C GLY A 202 6.14 26.06 1.56
N ILE A 203 6.64 25.39 2.61
CA ILE A 203 7.83 24.56 2.48
C ILE A 203 7.60 23.41 1.51
N PHE A 204 6.34 23.09 1.22
CA PHE A 204 6.04 21.96 0.36
C PHE A 204 6.24 22.32 -1.11
N SER A 205 5.58 23.39 -1.58
CA SER A 205 5.73 23.80 -2.97
C SER A 205 7.18 24.13 -3.29
N ARG A 206 7.86 24.85 -2.40
CA ARG A 206 9.23 25.24 -2.67
C ARG A 206 10.16 24.04 -2.64
N LEU A 207 9.89 23.08 -1.76
CA LEU A 207 10.66 21.84 -1.73
C LEU A 207 10.59 21.12 -3.06
N LEU A 208 9.40 21.02 -3.64
CA LEU A 208 9.25 20.33 -4.92
C LEU A 208 9.89 21.12 -6.04
N ASP A 209 9.78 22.45 -6.02
CA ASP A 209 10.52 23.25 -6.99
C ASP A 209 12.01 22.99 -6.89
N SER A 210 12.53 22.90 -5.66
CA SER A 210 13.95 22.63 -5.49
C SER A 210 14.33 21.28 -6.06
N LEU A 211 13.60 20.23 -5.68
CA LEU A 211 13.94 18.89 -6.17
C LEU A 211 13.83 18.81 -7.68
N ARG A 212 12.86 19.52 -8.27
CA ARG A 212 12.72 19.51 -9.72
C ARG A 212 13.88 20.24 -10.39
N GLN A 213 14.37 21.32 -9.77
CA GLN A 213 15.49 22.06 -10.35
C GLN A 213 16.74 21.19 -10.43
N GLU A 214 16.98 20.36 -9.42
CA GLU A 214 18.17 19.52 -9.38
C GLU A 214 18.12 18.39 -10.40
N GLY A 215 16.97 18.15 -11.02
CA GLY A 215 16.79 17.00 -11.88
C GLY A 215 16.39 15.73 -11.16
N PHE A 216 16.17 15.81 -9.84
CA PHE A 216 15.84 14.63 -9.06
C PHE A 216 14.44 14.12 -9.38
N LEU A 217 13.46 15.02 -9.40
CA LEU A 217 12.10 14.66 -9.80
C LEU A 217 12.00 14.67 -11.31
N THR A 218 11.49 13.57 -11.88
CA THR A 218 11.40 13.43 -13.33
C THR A 218 9.98 13.48 -13.85
N ASP A 219 8.98 13.18 -13.03
N ASP A 219 8.98 13.14 -13.04
CA ASP A 219 7.58 13.17 -13.43
CA ASP A 219 7.59 13.25 -13.46
C ASP A 219 6.70 13.36 -12.21
C ASP A 219 6.71 13.38 -12.22
N ASP A 220 5.58 14.05 -12.40
CA ASP A 220 4.58 14.26 -11.35
C ASP A 220 3.34 13.43 -11.66
N LEU A 221 2.90 12.66 -10.68
CA LEU A 221 1.66 11.91 -10.79
C LEU A 221 0.49 12.58 -10.09
N VAL A 222 0.71 13.12 -8.90
CA VAL A 222 -0.33 13.76 -8.11
C VAL A 222 0.27 14.94 -7.39
N LYS A 223 -0.39 16.10 -7.46
CA LYS A 223 0.10 17.34 -6.85
C LYS A 223 -1.05 17.98 -6.09
N GLY A 224 -1.09 17.77 -4.78
CA GLY A 224 -2.08 18.37 -3.92
C GLY A 224 -1.46 19.34 -2.94
N GLU A 225 -2.33 20.00 -2.17
CA GLU A 225 -1.83 20.92 -1.16
C GLU A 225 -0.96 20.22 -0.14
N THR A 226 -1.23 18.94 0.13
CA THR A 226 -0.56 18.20 1.19
C THR A 226 0.18 16.96 0.72
N LYS A 227 -0.22 16.33 -0.39
CA LYS A 227 0.42 15.10 -0.85
C LYS A 227 1.05 15.31 -2.22
N TYR A 228 2.22 14.72 -2.42
CA TYR A 228 2.83 14.63 -3.74
C TYR A 228 3.15 13.16 -3.99
N LEU A 229 2.84 12.71 -5.20
CA LEU A 229 3.23 11.39 -5.68
C LEU A 229 3.86 11.57 -7.05
N GLY A 230 5.04 11.00 -7.25
CA GLY A 230 5.74 11.19 -8.49
C GLY A 230 6.90 10.23 -8.65
N VAL A 231 7.87 10.64 -9.45
CA VAL A 231 8.95 9.78 -9.91
C VAL A 231 10.25 10.52 -9.69
N CYS A 232 11.25 9.83 -9.14
CA CYS A 232 12.58 10.42 -8.98
C CYS A 232 13.61 9.47 -9.56
N ARG A 233 14.82 9.99 -9.75
CA ARG A 233 15.95 9.17 -10.16
C ARG A 233 17.21 9.80 -9.60
N LEU A 234 17.98 9.04 -8.83
CA LEU A 234 19.24 9.54 -8.32
C LEU A 234 20.22 9.71 -9.46
N PRO A 235 21.24 10.54 -9.29
CA PRO A 235 22.19 10.79 -10.37
C PRO A 235 23.18 9.65 -10.56
N GLY A 236 23.75 9.61 -11.76
CA GLY A 236 24.83 8.70 -12.07
C GLY A 236 24.39 7.53 -12.91
N PRO A 237 25.32 6.66 -13.22
CA PRO A 237 25.00 5.46 -14.01
C PRO A 237 24.33 4.40 -13.15
N GLY A 238 23.69 3.45 -13.84
CA GLY A 238 23.11 2.31 -13.17
C GLY A 238 21.92 2.61 -12.28
N ARG A 239 21.24 3.73 -12.51
CA ARG A 239 20.08 4.12 -11.70
C ARG A 239 18.80 3.92 -12.50
N ARG A 240 17.74 3.57 -11.79
CA ARG A 240 16.41 3.40 -12.33
C ARG A 240 15.51 4.52 -11.82
N HIS A 241 14.34 4.64 -12.43
CA HIS A 241 13.33 5.55 -11.93
C HIS A 241 12.54 4.89 -10.82
N ARG A 242 12.25 5.65 -9.76
CA ARG A 242 11.60 5.13 -8.56
C ARG A 242 10.38 5.97 -8.23
N ARG A 243 9.41 5.34 -7.59
CA ARG A 243 8.23 6.04 -7.09
C ARG A 243 8.53 6.72 -5.76
N LEU A 244 8.16 7.99 -5.66
CA LEU A 244 8.42 8.82 -4.49
C LEU A 244 7.15 9.55 -4.11
N ASP A 245 6.74 9.40 -2.86
CA ASP A 245 5.68 10.17 -2.24
C ASP A 245 6.26 11.10 -1.19
N ILE A 246 5.67 12.29 -1.06
CA ILE A 246 6.05 13.23 -0.03
C ILE A 246 4.78 13.81 0.55
N LYS A 247 4.69 13.83 1.87
CA LYS A 247 3.53 14.37 2.55
C LYS A 247 4.01 15.26 3.67
N VAL A 248 3.27 16.35 3.88
N VAL A 248 3.30 16.37 3.86
CA VAL A 248 3.55 17.31 4.94
CA VAL A 248 3.56 17.31 4.94
C VAL A 248 2.33 17.35 5.84
C VAL A 248 2.33 17.32 5.84
N VAL A 249 2.55 17.28 7.16
CA VAL A 249 1.44 17.20 8.11
C VAL A 249 1.76 18.04 9.33
N PRO A 250 0.72 18.54 9.99
CA PRO A 250 0.93 19.25 11.25
C PRO A 250 1.47 18.33 12.33
N TYR A 251 2.23 18.91 13.26
CA TYR A 251 2.91 18.10 14.26
C TYR A 251 1.92 17.26 15.08
N SER A 252 0.74 17.83 15.37
CA SER A 252 -0.24 17.13 16.19
C SER A 252 -0.75 15.85 15.54
N GLU A 253 -0.64 15.74 14.22
CA GLU A 253 -1.04 14.53 13.51
C GLU A 253 0.12 13.60 13.23
N PHE A 254 1.33 13.98 13.63
CA PHE A 254 2.52 13.23 13.22
C PHE A 254 2.36 11.75 13.54
N ALA A 255 2.02 11.43 14.79
CA ALA A 255 1.93 10.02 15.17
C ALA A 255 0.94 9.29 14.27
N CYS A 256 -0.27 9.84 14.10
CA CYS A 256 -1.25 9.14 13.29
C CYS A 256 -0.80 9.01 11.85
N ALA A 257 -0.03 9.97 11.36
CA ALA A 257 0.52 9.83 10.02
C ALA A 257 1.53 8.69 9.99
N LEU A 258 2.41 8.65 11.00
CA LEU A 258 3.46 7.65 11.00
C LEU A 258 2.86 6.27 10.96
N LEU A 259 1.86 6.03 11.81
CA LEU A 259 1.15 4.77 11.79
C LEU A 259 0.63 4.48 10.39
N TYR A 260 -0.19 5.39 9.87
CA TYR A 260 -0.90 5.08 8.63
C TYR A 260 0.08 4.79 7.50
N PHE A 261 1.02 5.70 7.28
CA PHE A 261 1.96 5.56 6.19
C PHE A 261 3.04 4.51 6.46
N THR A 262 3.15 3.99 7.68
CA THR A 262 4.04 2.85 7.88
C THR A 262 3.35 1.55 7.47
N GLY A 263 2.03 1.47 7.57
CA GLY A 263 1.37 0.28 7.11
C GLY A 263 1.65 -0.88 8.05
N SER A 264 1.47 -2.11 7.54
CA SER A 264 1.01 -2.39 6.20
C SER A 264 -0.45 -1.97 5.99
N ALA A 265 -0.96 -2.17 4.78
CA ALA A 265 -2.36 -1.83 4.50
C ALA A 265 -3.30 -2.73 5.28
N HIS A 266 -2.99 -4.02 5.41
CA HIS A 266 -3.85 -4.91 6.19
C HIS A 266 -3.79 -4.57 7.66
N PHE A 267 -2.60 -4.22 8.16
CA PHE A 267 -2.49 -3.77 9.53
C PHE A 267 -3.36 -2.54 9.79
N ASN A 268 -3.30 -1.55 8.89
CA ASN A 268 -4.11 -0.35 9.06
C ASN A 268 -5.59 -0.69 9.03
N ARG A 269 -6.00 -1.52 8.08
CA ARG A 269 -7.42 -1.83 7.95
C ARG A 269 -7.92 -2.57 9.17
N SER A 270 -7.07 -3.40 9.78
CA SER A 270 -7.43 -4.08 11.01
C SER A 270 -7.55 -3.09 12.18
N MET A 271 -6.58 -2.19 12.33
CA MET A 271 -6.68 -1.18 13.37
C MET A 271 -7.94 -0.34 13.19
N ARG A 272 -8.27 0.00 11.95
CA ARG A 272 -9.41 0.87 11.71
C ARG A 272 -10.73 0.15 11.95
N ALA A 273 -10.82 -1.12 11.56
CA ALA A 273 -11.97 -1.93 11.93
C ALA A 273 -12.14 -1.96 13.45
N LEU A 274 -11.05 -2.22 14.16
CA LEU A 274 -11.13 -2.27 15.62
C LEU A 274 -11.63 -0.93 16.18
N ALA A 275 -10.97 0.17 15.82
CA ALA A 275 -11.43 1.48 16.27
C ALA A 275 -12.92 1.65 16.01
N LYS A 276 -13.36 1.31 14.80
CA LYS A 276 -14.78 1.43 14.46
C LYS A 276 -15.64 0.64 15.44
N THR A 277 -15.17 -0.53 15.88
CA THR A 277 -15.99 -1.31 16.81
C THR A 277 -16.17 -0.57 18.13
N LYS A 278 -15.12 0.07 18.64
CA LYS A 278 -15.15 0.68 19.95
C LYS A 278 -15.65 2.12 19.88
N GLY A 279 -16.47 2.42 18.87
CA GLY A 279 -17.02 3.74 18.70
C GLY A 279 -16.04 4.80 18.26
N MET A 280 -14.81 4.43 17.94
CA MET A 280 -13.78 5.37 17.51
C MET A 280 -13.56 5.30 16.00
N SER A 281 -12.86 6.30 15.48
CA SER A 281 -12.50 6.38 14.07
C SER A 281 -11.04 6.73 13.97
N LEU A 282 -10.27 5.94 13.23
CA LEU A 282 -8.84 6.16 13.08
C LEU A 282 -8.53 6.49 11.63
N SER A 283 -7.81 7.58 11.41
CA SER A 283 -7.38 7.98 10.08
C SER A 283 -5.93 8.42 10.14
N GLU A 284 -5.42 8.86 8.99
CA GLU A 284 -4.07 9.40 8.92
C GLU A 284 -3.93 10.74 9.62
N HIS A 285 -5.05 11.35 10.04
CA HIS A 285 -5.05 12.63 10.72
C HIS A 285 -5.21 12.49 12.24
N ALA A 286 -6.05 11.57 12.70
CA ALA A 286 -6.47 11.60 14.08
C ALA A 286 -7.14 10.29 14.46
N LEU A 287 -7.09 9.99 15.75
CA LEU A 287 -7.94 8.98 16.36
C LEU A 287 -9.05 9.71 17.09
N SER A 288 -10.29 9.51 16.65
CA SER A 288 -11.45 10.19 17.22
C SER A 288 -12.29 9.20 18.01
N THR A 289 -13.14 9.74 18.87
CA THR A 289 -13.92 8.96 19.80
C THR A 289 -15.38 9.39 19.75
N ALA A 290 -16.27 8.41 19.96
CA ALA A 290 -17.71 8.64 19.90
C ALA A 290 -18.11 9.20 18.54
N VAL A 291 -17.55 8.64 17.48
CA VAL A 291 -17.92 9.02 16.13
C VAL A 291 -19.29 8.41 15.82
N VAL A 292 -20.28 9.27 15.58
CA VAL A 292 -21.65 8.82 15.36
C VAL A 292 -21.81 8.38 13.90
N ARG A 293 -22.38 7.19 13.70
CA ARG A 293 -22.64 6.66 12.37
C ARG A 293 -23.96 5.91 12.41
N ASN A 294 -24.29 5.26 11.28
CA ASN A 294 -25.48 4.43 11.18
C ASN A 294 -25.67 3.98 9.74
N THR A 295 -26.32 2.83 9.55
CA THR A 295 -26.54 2.30 8.20
C THR A 295 -25.23 2.00 7.50
N VAL A 300 -23.89 13.88 11.69
CA VAL A 300 -22.96 13.49 10.64
C VAL A 300 -21.69 12.89 11.24
N GLY A 301 -21.71 12.62 12.55
CA GLY A 301 -20.62 11.98 13.22
C GLY A 301 -19.40 12.84 13.48
N PRO A 302 -19.60 14.11 13.90
CA PRO A 302 -18.44 14.91 14.28
C PRO A 302 -17.88 14.49 15.63
N GLY A 303 -16.88 13.61 15.60
CA GLY A 303 -16.32 13.07 16.83
C GLY A 303 -15.34 14.01 17.48
N ARG A 304 -14.79 13.53 18.60
CA ARG A 304 -13.79 14.25 19.37
C ARG A 304 -12.42 13.66 19.09
N VAL A 305 -11.44 14.51 18.79
CA VAL A 305 -10.08 14.05 18.52
C VAL A 305 -9.37 13.75 19.82
N LEU A 306 -8.62 12.67 19.85
CA LEU A 306 -7.91 12.25 21.04
C LEU A 306 -6.43 12.58 20.92
N PRO A 307 -5.79 13.04 21.99
CA PRO A 307 -4.37 13.41 21.88
C PRO A 307 -3.51 12.16 21.74
N THR A 308 -2.75 12.09 20.65
CA THR A 308 -1.89 10.95 20.34
C THR A 308 -0.52 11.48 19.95
N PRO A 309 0.28 11.93 20.92
CA PRO A 309 1.63 12.40 20.58
C PRO A 309 2.57 11.30 20.09
N THR A 310 2.25 10.02 20.34
CA THR A 310 3.10 8.92 19.91
C THR A 310 2.23 7.76 19.44
N GLU A 311 2.82 6.90 18.60
CA GLU A 311 2.12 5.70 18.17
C GLU A 311 1.67 4.88 19.37
N LYS A 312 2.54 4.77 20.38
CA LYS A 312 2.18 4.03 21.59
C LYS A 312 0.84 4.50 22.14
N ASP A 313 0.56 5.81 22.04
CA ASP A 313 -0.69 6.34 22.55
C ASP A 313 -1.87 5.86 21.71
N VAL A 314 -1.69 5.71 20.40
CA VAL A 314 -2.75 5.14 19.57
C VAL A 314 -3.06 3.73 20.03
N PHE A 315 -2.03 2.90 20.15
CA PHE A 315 -2.25 1.54 20.66
C PHE A 315 -2.97 1.57 22.02
N ARG A 316 -2.47 2.39 22.95
CA ARG A 316 -3.02 2.41 24.30
C ARG A 316 -4.50 2.79 24.30
N LEU A 317 -4.85 3.84 23.56
CA LEU A 317 -6.23 4.28 23.53
C LEU A 317 -7.14 3.19 22.97
N LEU A 318 -6.63 2.35 22.08
CA LEU A 318 -7.39 1.24 21.52
C LEU A 318 -7.35 -0.01 22.40
N GLY A 319 -6.57 0.00 23.47
CA GLY A 319 -6.47 -1.15 24.36
C GLY A 319 -5.56 -2.24 23.87
N LEU A 320 -4.58 -1.92 23.02
CA LEU A 320 -3.69 -2.91 22.42
C LEU A 320 -2.26 -2.71 22.92
N PRO A 321 -1.46 -3.78 22.93
CA PRO A 321 -0.04 -3.61 23.20
C PRO A 321 0.67 -3.05 21.99
N TYR A 322 1.70 -2.25 22.26
CA TYR A 322 2.42 -1.59 21.18
C TYR A 322 3.16 -2.62 20.33
N ARG A 323 2.94 -2.57 19.02
CA ARG A 323 3.70 -3.35 18.05
C ARG A 323 4.73 -2.45 17.39
N GLU A 324 5.97 -2.90 17.36
CA GLU A 324 7.00 -2.17 16.62
C GLU A 324 6.72 -2.27 15.13
N PRO A 325 7.18 -1.29 14.35
CA PRO A 325 6.89 -1.31 12.89
C PRO A 325 7.19 -2.64 12.21
N ALA A 326 8.14 -3.43 12.70
CA ALA A 326 8.52 -4.64 11.99
C ALA A 326 7.49 -5.74 12.12
N GLU A 327 6.67 -5.72 13.16
CA GLU A 327 5.62 -6.72 13.35
C GLU A 327 4.27 -6.28 12.79
N ARG A 328 4.26 -5.33 11.86
CA ARG A 328 3.01 -4.78 11.33
C ARG A 328 2.73 -5.24 9.91
N ASP A 329 3.10 -6.48 9.56
CA ASP A 329 2.84 -6.96 8.21
C ASP A 329 1.37 -7.31 8.00
N TRP A 330 0.66 -7.68 9.07
CA TRP A 330 -0.79 -7.79 9.03
C TRP A 330 -1.33 -8.07 10.42
NA NA E . 3.61 5.17 -1.57
NA NA F . -12.76 -19.55 11.57
NA NA G . -2.49 0.10 -11.96
C1 EDO H . 3.17 -1.86 -9.52
O1 EDO H . 2.08 -2.54 -10.12
C2 EDO H . 2.96 -0.36 -9.58
O2 EDO H . 2.39 0.00 -10.82
H11 EDO H . 4.00 -2.07 -9.98
H12 EDO H . 3.28 -2.12 -8.60
HO1 EDO H . 2.04 -2.31 -10.93
H21 EDO H . 3.81 0.06 -9.43
H22 EDO H . 2.38 -0.13 -8.84
HO2 EDO H . 2.89 -0.30 -11.44
C1 EDO I . 6.67 19.69 -9.01
O1 EDO I . 6.55 20.72 -8.05
C2 EDO I . 7.22 20.26 -10.29
O2 EDO I . 7.92 21.44 -9.97
H11 EDO I . 5.82 19.27 -9.19
H12 EDO I . 7.27 18.98 -8.69
HO1 EDO I . 6.08 21.33 -8.39
H21 EDO I . 6.48 20.42 -10.89
H22 EDO I . 7.79 19.58 -10.69
HO2 EDO I . 8.56 21.24 -9.44
C1 EDO J . -12.07 -8.12 -27.29
O1 EDO J . -12.00 -8.94 -28.44
C2 EDO J . -12.89 -8.78 -26.22
O2 EDO J . -14.27 -8.64 -26.54
H11 EDO J . -12.46 -7.25 -27.50
H12 EDO J . -11.18 -7.95 -26.94
HO1 EDO J . -11.52 -8.55 -29.02
H21 EDO J . -12.67 -8.37 -25.37
H22 EDO J . -12.63 -9.71 -26.16
HO2 EDO J . -14.72 -8.94 -25.88
CA CA K . 6.16 0.91 1.00
C1 EDO L . 20.26 26.34 6.16
O1 EDO L . 21.38 26.02 5.37
C2 EDO L . 19.63 27.62 5.68
O2 EDO L . 19.30 27.51 4.31
H11 EDO L . 20.50 26.44 7.10
H12 EDO L . 19.60 25.63 6.12
HO1 EDO L . 21.12 25.88 4.58
H21 EDO L . 20.25 28.34 5.85
H22 EDO L . 18.84 27.79 6.23
HO2 EDO L . 19.41 26.70 4.08
C1 GOL M . 1.29 7.16 -30.18
O1 GOL M . -0.07 6.83 -30.04
C2 GOL M . 1.67 7.16 -31.65
O2 GOL M . 2.94 7.74 -31.79
C3 GOL M . 1.64 5.74 -32.20
O3 GOL M . 2.31 5.73 -33.42
H11 GOL M . 1.86 6.54 -29.71
H12 GOL M . 1.48 8.04 -29.81
HO1 GOL M . -0.26 6.82 -29.22
H2 GOL M . 1.00 7.69 -32.13
HO2 GOL M . 3.46 7.34 -31.25
H31 GOL M . 0.71 5.46 -32.28
H32 GOL M . 2.06 5.15 -31.55
HO3 GOL M . 1.80 6.06 -34.02
CA CA N . -18.88 -17.41 2.26
P TMP O . 2.56 1.96 -0.47
O1P TMP O . 1.80 1.78 -1.74
O2P TMP O . 2.99 0.63 0.17
O3P TMP O . 3.77 2.89 -0.59
O5' TMP O . 1.56 2.67 0.59
C5' TMP O . 2.15 3.29 1.74
C4' TMP O . 1.37 2.96 2.98
O4' TMP O . -0.01 3.32 2.73
C3' TMP O . 1.30 1.46 3.17
O3' TMP O . 2.38 1.11 4.02
C2' TMP O . 0.02 1.32 3.98
C1' TMP O . -0.87 2.44 3.44
N1 TMP O . -1.86 1.93 2.46
C2 TMP O . -3.19 2.19 2.67
O2 TMP O . -3.61 2.85 3.61
N3 TMP O . -4.04 1.69 1.72
C4 TMP O . -3.71 0.93 0.61
O4 TMP O . -4.58 0.53 -0.15
C5 TMP O . -2.28 0.68 0.45
C5M TMP O . -1.83 -0.12 -0.73
C6 TMP O . -1.44 1.18 1.37
H5'1 TMP O . 3.07 2.98 1.85
H5'2 TMP O . 2.16 4.26 1.62
H4' TMP O . 1.70 3.42 3.77
H3' TMP O . 1.27 0.96 2.33
HO3' TMP O . 2.35 0.27 4.13
H2'1 TMP O . -0.39 0.46 3.83
H2'2 TMP O . 0.21 1.46 4.92
H1' TMP O . -1.31 2.91 4.16
HN3 TMP O . -4.88 1.84 1.84
H51 TMP O . -0.93 0.17 -0.99
H52 TMP O . -1.80 -1.06 -0.49
H53 TMP O . -2.44 0.00 -1.46
H6 TMP O . -0.53 1.02 1.27
#